data_1W8H
#
_entry.id   1W8H
#
_cell.length_a   51.575
_cell.length_b   75.824
_cell.length_c   52.746
_cell.angle_alpha   90.00
_cell.angle_beta   93.48
_cell.angle_gamma   90.00
#
_symmetry.space_group_name_H-M   'P 1 21 1'
#
loop_
_entity.id
_entity.type
_entity.pdbx_description
1 polymer 'PSEUDOMONAS AERUGINOSA LECTIN II'
2 branched alpha-L-fucopyranose-(1-4)-2-acetamido-2-deoxy-alpha-D-glucopyranose-(1-3)-beta-D-galactopyranose-(1-3)-2-acetamido-2-deoxy-beta-D-glucopyranose
3 branched beta-D-galactopyranose-(1-3)-[alpha-L-fucopyranose-(1-4)]2-acetamido-2-deoxy-beta-D-glucopyranose
4 branched beta-D-galactopyranose-(1-3)-[alpha-L-fucopyranose-(1-4)]2-acetamido-2-deoxy-alpha-D-glucopyranose
5 non-polymer 'CALCIUM ION'
6 non-polymer 'SULFATE ION'
7 non-polymer GLYCEROL
8 water water
#
_entity_poly.entity_id   1
_entity_poly.type   'polypeptide(L)'
_entity_poly.pdbx_seq_one_letter_code
;MATQGVFTLPANTRFGVTAFANSSGTQTVNVLVNNETAATFSGQSTNNAVIGTQVLNSGSSGKVQVQVSVNGRPSDLVSA
QVILTNELNFALVGSEDGTDNDYNDAVVVINWPLG
;
_entity_poly.pdbx_strand_id   A,B,C,D
#
loop_
_chem_comp.id
_chem_comp.type
_chem_comp.name
_chem_comp.formula
CA non-polymer 'CALCIUM ION' 'Ca 2'
FUC L-saccharide, alpha linking alpha-L-fucopyranose 'C6 H12 O5'
GAL D-saccharide, beta linking beta-D-galactopyranose 'C6 H12 O6'
GOL non-polymer GLYCEROL 'C3 H8 O3'
NAG D-saccharide, beta linking 2-acetamido-2-deoxy-beta-D-glucopyranose 'C8 H15 N O6'
NDG D-saccharide, alpha linking 2-acetamido-2-deoxy-alpha-D-glucopyranose 'C8 H15 N O6'
SO4 non-polymer 'SULFATE ION' 'O4 S -2'
#
# COMPACT_ATOMS: atom_id res chain seq x y z
N ALA A 2 6.47 -10.24 13.49
CA ALA A 2 5.81 -8.96 13.80
C ALA A 2 4.32 -9.18 13.95
N THR A 3 3.71 -8.36 14.79
CA THR A 3 2.28 -8.42 14.99
C THR A 3 1.58 -8.03 13.68
N GLN A 4 0.46 -8.70 13.42
CA GLN A 4 -0.38 -8.43 12.26
C GLN A 4 -1.83 -8.35 12.73
N GLY A 5 -2.66 -7.64 11.98
CA GLY A 5 -4.07 -7.52 12.29
C GLY A 5 -4.44 -6.52 13.36
N VAL A 6 -3.48 -5.68 13.75
CA VAL A 6 -3.70 -4.64 14.77
C VAL A 6 -3.47 -3.27 14.14
N PHE A 7 -4.43 -2.35 14.33
CA PHE A 7 -4.37 -1.04 13.73
C PHE A 7 -4.77 0.05 14.74
N THR A 8 -4.10 1.19 14.65
CA THR A 8 -4.44 2.36 15.43
C THR A 8 -5.21 3.34 14.59
N LEU A 9 -6.48 3.51 14.88
CA LEU A 9 -7.32 4.47 14.17
C LEU A 9 -7.35 5.78 14.96
N PRO A 10 -7.74 6.86 14.30
CA PRO A 10 -8.04 8.08 14.99
C PRO A 10 -9.09 7.77 16.03
N ALA A 11 -9.02 8.45 17.17
CA ALA A 11 -9.97 8.19 18.24
C ALA A 11 -11.40 8.57 17.84
N ASN A 12 -12.38 7.87 18.40
CA ASN A 12 -13.80 8.22 18.29
C ASN A 12 -14.25 8.44 16.86
N THR A 13 -13.88 7.47 16.03
CA THR A 13 -14.06 7.55 14.60
C THR A 13 -14.83 6.30 14.13
N ARG A 14 -15.89 6.54 13.37
CA ARG A 14 -16.64 5.43 12.78
C ARG A 14 -15.86 4.87 11.58
N PHE A 15 -15.90 3.55 11.47
CA PHE A 15 -15.24 2.80 10.41
C PHE A 15 -16.04 1.58 10.03
N GLY A 16 -15.89 1.18 8.79
CA GLY A 16 -16.55 -0.01 8.27
C GLY A 16 -15.63 -1.21 8.37
N VAL A 17 -16.20 -2.38 8.66
CA VAL A 17 -15.42 -3.62 8.63
C VAL A 17 -16.27 -4.66 7.91
N THR A 18 -15.66 -5.29 6.91
CA THR A 18 -16.34 -6.25 6.03
C THR A 18 -15.42 -7.47 5.89
N ALA A 19 -16.01 -8.68 5.87
CA ALA A 19 -15.25 -9.92 5.70
C ALA A 19 -15.79 -10.79 4.59
N PHE A 20 -14.87 -11.38 3.83
CA PHE A 20 -15.14 -12.31 2.76
C PHE A 20 -14.53 -13.66 3.07
N ALA A 21 -15.16 -14.75 2.60
CA ALA A 21 -14.57 -16.09 2.78
C ALA A 21 -14.22 -16.80 1.46
N ASN A 22 -13.12 -17.54 1.48
CA ASN A 22 -12.59 -18.31 0.36
C ASN A 22 -11.92 -19.57 0.87
N SER A 23 -12.73 -20.50 1.38
CA SER A 23 -12.19 -21.73 1.96
C SER A 23 -13.31 -22.74 2.17
N SER A 24 -12.96 -24.02 2.27
CA SER A 24 -13.94 -25.04 2.63
C SER A 24 -14.28 -25.00 4.09
N GLY A 25 -13.43 -24.35 4.89
CA GLY A 25 -13.71 -24.25 6.33
C GLY A 25 -14.55 -23.03 6.67
N THR A 26 -15.36 -23.17 7.73
CA THR A 26 -16.16 -22.08 8.25
C THR A 26 -15.25 -21.10 8.95
N GLN A 27 -15.32 -19.81 8.58
CA GLN A 27 -14.45 -18.78 9.12
C GLN A 27 -15.18 -18.09 10.26
N THR A 28 -14.45 -17.84 11.35
CA THR A 28 -14.94 -17.04 12.45
C THR A 28 -14.03 -15.82 12.55
N VAL A 29 -14.60 -14.64 12.32
CA VAL A 29 -13.86 -13.39 12.35
C VAL A 29 -14.30 -12.56 13.55
N ASN A 30 -13.37 -12.21 14.46
CA ASN A 30 -13.67 -11.34 15.56
C ASN A 30 -12.96 -10.01 15.41
N VAL A 31 -13.67 -8.92 15.72
CA VAL A 31 -13.13 -7.60 15.65
C VAL A 31 -13.18 -7.00 17.05
N LEU A 32 -12.03 -6.62 17.56
N LEU A 32 -12.01 -6.64 17.56
CA LEU A 32 -11.90 -6.12 18.93
CA LEU A 32 -11.85 -6.10 18.90
C LEU A 32 -11.55 -4.63 18.90
C LEU A 32 -11.66 -4.59 18.79
N VAL A 33 -12.25 -3.84 19.71
CA VAL A 33 -11.98 -2.42 19.85
C VAL A 33 -11.61 -2.19 21.32
N ASN A 34 -10.41 -1.64 21.53
CA ASN A 34 -9.85 -1.58 22.88
C ASN A 34 -9.88 -2.89 23.64
N ASN A 35 -9.49 -3.98 22.98
CA ASN A 35 -9.48 -5.31 23.57
C ASN A 35 -10.84 -5.93 23.96
N GLU A 36 -11.94 -5.28 23.60
CA GLU A 36 -13.27 -5.86 23.78
C GLU A 36 -13.85 -6.25 22.44
N THR A 37 -14.54 -7.38 22.36
CA THR A 37 -15.19 -7.83 21.14
C THR A 37 -16.32 -6.88 20.77
N ALA A 38 -16.23 -6.34 19.57
CA ALA A 38 -17.19 -5.41 19.06
C ALA A 38 -18.01 -6.00 17.93
N ALA A 39 -17.47 -6.97 17.21
CA ALA A 39 -18.20 -7.66 16.17
C ALA A 39 -17.66 -9.05 15.98
N THR A 40 -18.56 -9.99 15.62
CA THR A 40 -18.16 -11.34 15.25
C THR A 40 -18.92 -11.75 14.00
N PHE A 41 -18.19 -12.22 12.99
CA PHE A 41 -18.81 -12.69 11.78
C PHE A 41 -18.49 -14.18 11.61
N SER A 42 -19.45 -14.93 11.10
N SER A 42 -19.43 -14.93 11.06
CA SER A 42 -19.22 -16.34 10.78
CA SER A 42 -19.15 -16.32 10.77
C SER A 42 -19.80 -16.66 9.41
C SER A 42 -19.85 -16.77 9.50
N GLY A 43 -19.13 -17.54 8.67
CA GLY A 43 -19.69 -18.06 7.44
C GLY A 43 -18.72 -18.91 6.67
N GLN A 44 -19.21 -19.53 5.59
CA GLN A 44 -18.40 -20.34 4.72
C GLN A 44 -18.71 -20.05 3.23
N SER A 45 -17.66 -19.91 2.42
CA SER A 45 -17.77 -19.75 0.97
C SER A 45 -16.42 -20.04 0.35
N THR A 46 -16.44 -20.58 -0.87
CA THR A 46 -15.24 -20.64 -1.71
C THR A 46 -15.38 -19.68 -2.86
N ASN A 47 -16.34 -18.77 -2.78
CA ASN A 47 -16.63 -17.82 -3.85
C ASN A 47 -16.67 -16.36 -3.39
N ASN A 48 -15.84 -16.02 -2.40
CA ASN A 48 -15.69 -14.66 -1.89
C ASN A 48 -17.01 -14.05 -1.32
N ALA A 49 -17.91 -14.87 -0.79
CA ALA A 49 -19.13 -14.31 -0.18
C ALA A 49 -18.81 -13.37 0.97
N VAL A 50 -19.56 -12.28 1.09
CA VAL A 50 -19.53 -11.44 2.29
C VAL A 50 -20.13 -12.26 3.43
N ILE A 51 -19.34 -12.53 4.46
CA ILE A 51 -19.85 -13.22 5.64
C ILE A 51 -20.20 -12.24 6.75
N GLY A 52 -19.92 -10.97 6.54
CA GLY A 52 -20.40 -9.96 7.50
C GLY A 52 -19.91 -8.57 7.15
N THR A 53 -20.68 -7.58 7.59
CA THR A 53 -20.28 -6.17 7.44
C THR A 53 -20.95 -5.36 8.56
N GLN A 54 -20.24 -4.37 9.09
CA GLN A 54 -20.74 -3.58 10.19
C GLN A 54 -20.00 -2.26 10.30
N VAL A 55 -20.64 -1.27 10.91
CA VAL A 55 -19.99 -0.01 11.22
C VAL A 55 -19.77 0.03 12.73
N LEU A 56 -18.53 0.34 13.11
CA LEU A 56 -18.13 0.39 14.51
C LEU A 56 -17.49 1.75 14.79
N ASN A 57 -17.30 2.05 16.07
CA ASN A 57 -16.59 3.25 16.49
C ASN A 57 -15.29 2.86 17.18
N SER A 58 -14.21 3.57 16.85
CA SER A 58 -12.86 3.25 17.33
C SER A 58 -12.65 3.59 18.81
N GLY A 59 -13.58 4.36 19.40
CA GLY A 59 -13.52 4.64 20.84
C GLY A 59 -12.34 5.50 21.25
N SER A 60 -12.10 5.59 22.55
CA SER A 60 -11.09 6.52 23.09
C SER A 60 -9.67 6.14 22.73
N SER A 61 -9.43 4.85 22.55
CA SER A 61 -8.08 4.30 22.31
C SER A 61 -7.70 4.25 20.84
N GLY A 62 -8.71 4.17 19.98
CA GLY A 62 -8.50 3.90 18.54
C GLY A 62 -7.91 2.53 18.20
N LYS A 63 -7.71 1.65 19.18
CA LYS A 63 -7.08 0.34 18.90
C LYS A 63 -8.10 -0.65 18.29
N VAL A 64 -7.81 -1.15 17.09
CA VAL A 64 -8.67 -2.14 16.44
C VAL A 64 -7.86 -3.40 16.13
N GLN A 65 -8.39 -4.58 16.47
CA GLN A 65 -7.67 -5.81 16.17
C GLN A 65 -8.59 -6.82 15.53
N VAL A 66 -8.12 -7.49 14.47
CA VAL A 66 -8.88 -8.57 13.82
C VAL A 66 -8.24 -9.88 14.17
N GLN A 67 -9.06 -10.87 14.55
CA GLN A 67 -8.61 -12.25 14.75
C GLN A 67 -9.50 -13.16 13.92
N VAL A 68 -8.93 -14.23 13.41
CA VAL A 68 -9.66 -15.19 12.58
C VAL A 68 -9.35 -16.60 13.06
N SER A 69 -10.39 -17.43 13.11
CA SER A 69 -10.18 -18.82 13.46
C SER A 69 -11.13 -19.70 12.69
N VAL A 70 -10.75 -20.98 12.61
CA VAL A 70 -11.58 -22.02 11.96
C VAL A 70 -11.73 -23.18 12.97
N ASN A 71 -12.95 -23.37 13.48
CA ASN A 71 -13.25 -24.45 14.42
C ASN A 71 -12.23 -24.49 15.56
N GLY A 72 -11.94 -23.32 16.12
CA GLY A 72 -11.00 -23.20 17.24
C GLY A 72 -9.51 -23.05 16.90
N ARG A 73 -9.11 -23.19 15.64
CA ARG A 73 -7.70 -23.11 15.28
C ARG A 73 -7.41 -21.70 14.79
N PRO A 74 -6.45 -20.99 15.37
CA PRO A 74 -6.17 -19.63 14.93
C PRO A 74 -5.51 -19.59 13.55
N SER A 75 -6.04 -18.76 12.65
CA SER A 75 -5.44 -18.61 11.32
C SER A 75 -4.24 -17.67 11.39
N ASP A 76 -3.24 -17.93 10.58
CA ASP A 76 -2.09 -17.03 10.50
C ASP A 76 -2.48 -15.78 9.70
N LEU A 77 -2.14 -14.58 10.19
CA LEU A 77 -2.61 -13.32 9.57
C LEU A 77 -1.51 -12.54 8.86
N VAL A 78 -1.91 -11.80 7.83
CA VAL A 78 -1.07 -10.76 7.22
C VAL A 78 -1.88 -9.48 7.11
N SER A 79 -1.23 -8.32 7.20
CA SER A 79 -1.99 -7.09 7.18
C SER A 79 -1.12 -5.91 6.76
N ALA A 80 -1.79 -4.81 6.39
CA ALA A 80 -1.13 -3.52 6.12
C ALA A 80 -2.23 -2.45 6.14
N GLN A 81 -1.81 -1.20 6.25
CA GLN A 81 -2.70 -0.04 6.02
C GLN A 81 -2.21 0.78 4.84
N VAL A 82 -3.14 1.27 4.04
CA VAL A 82 -2.85 2.10 2.87
C VAL A 82 -3.70 3.37 2.93
N ILE A 83 -3.09 4.50 2.62
CA ILE A 83 -3.78 5.81 2.63
C ILE A 83 -3.66 6.43 1.23
N LEU A 84 -4.80 6.80 0.67
CA LEU A 84 -4.88 7.41 -0.64
C LEU A 84 -5.24 8.89 -0.49
N THR A 85 -4.58 9.72 -1.31
CA THR A 85 -4.69 11.16 -1.29
C THR A 85 -4.74 11.76 0.12
N ASN A 86 -3.93 11.20 1.00
CA ASN A 86 -3.76 11.70 2.35
C ASN A 86 -5.06 11.77 3.15
N GLU A 87 -6.06 10.97 2.78
CA GLU A 87 -7.39 11.07 3.38
C GLU A 87 -8.16 9.75 3.56
N LEU A 88 -8.13 8.91 2.54
CA LEU A 88 -8.92 7.67 2.50
C LEU A 88 -8.05 6.51 3.00
N ASN A 89 -8.50 5.87 4.07
CA ASN A 89 -7.77 4.81 4.75
C ASN A 89 -8.38 3.41 4.57
N PHE A 90 -7.51 2.45 4.25
CA PHE A 90 -7.85 1.04 4.23
C PHE A 90 -6.90 0.26 5.16
N ALA A 91 -7.47 -0.55 6.03
CA ALA A 91 -6.70 -1.49 6.84
C ALA A 91 -7.15 -2.86 6.37
N LEU A 92 -6.18 -3.67 5.96
CA LEU A 92 -6.40 -4.85 5.16
C LEU A 92 -5.84 -6.08 5.87
N VAL A 93 -6.60 -7.17 5.92
CA VAL A 93 -6.14 -8.41 6.59
C VAL A 93 -6.43 -9.61 5.67
N GLY A 94 -5.44 -10.48 5.50
CA GLY A 94 -5.65 -11.80 4.94
C GLY A 94 -5.34 -12.87 5.99
N SER A 95 -5.83 -14.08 5.77
CA SER A 95 -5.62 -15.16 6.76
C SER A 95 -5.48 -16.51 6.07
N GLU A 96 -4.70 -17.41 6.69
CA GLU A 96 -4.48 -18.78 6.20
C GLU A 96 -4.92 -19.83 7.21
N ASP A 97 -5.76 -20.76 6.78
CA ASP A 97 -6.36 -21.77 7.66
C ASP A 97 -5.88 -23.19 7.32
N GLY A 98 -4.89 -23.26 6.45
CA GLY A 98 -4.49 -24.52 5.89
C GLY A 98 -3.06 -24.53 5.52
N THR A 99 -2.78 -25.24 4.41
CA THR A 99 -1.44 -25.55 3.98
C THR A 99 -1.06 -24.81 2.67
N ASP A 100 -2.03 -24.36 1.90
CA ASP A 100 -1.70 -23.80 0.55
C ASP A 100 -1.16 -22.37 0.51
N ASN A 101 -1.26 -21.65 1.62
CA ASN A 101 -0.77 -20.26 1.73
C ASN A 101 -1.28 -19.28 0.68
N ASP A 102 -2.54 -19.42 0.30
CA ASP A 102 -3.18 -18.37 -0.49
C ASP A 102 -3.63 -17.16 0.37
N TYR A 103 -3.72 -17.31 1.69
CA TYR A 103 -3.97 -16.20 2.60
C TYR A 103 -5.30 -15.44 2.29
N ASN A 104 -6.23 -16.10 1.60
CA ASN A 104 -7.53 -15.49 1.29
C ASN A 104 -8.71 -16.16 2.04
N ASP A 105 -8.43 -17.05 2.99
CA ASP A 105 -9.47 -17.92 3.55
C ASP A 105 -10.56 -17.11 4.27
N ALA A 106 -10.13 -16.11 5.04
CA ALA A 106 -10.98 -14.98 5.37
C ALA A 106 -10.18 -13.73 5.07
N VAL A 107 -10.85 -12.78 4.44
CA VAL A 107 -10.24 -11.51 4.01
C VAL A 107 -11.06 -10.43 4.68
N VAL A 108 -10.38 -9.49 5.34
CA VAL A 108 -11.09 -8.45 6.09
C VAL A 108 -10.61 -7.07 5.59
N VAL A 109 -11.58 -6.20 5.28
CA VAL A 109 -11.31 -4.84 4.85
C VAL A 109 -11.96 -3.89 5.83
N ILE A 110 -11.14 -3.00 6.40
CA ILE A 110 -11.59 -1.91 7.24
C ILE A 110 -11.36 -0.58 6.51
N ASN A 111 -12.38 0.29 6.49
CA ASN A 111 -12.28 1.54 5.80
C ASN A 111 -12.80 2.74 6.59
N TRP A 112 -12.13 3.88 6.47
CA TRP A 112 -12.59 5.13 7.09
C TRP A 112 -11.94 6.30 6.33
N PRO A 113 -12.44 7.53 6.45
CA PRO A 113 -13.69 7.89 7.11
C PRO A 113 -14.95 7.45 6.39
N LEU A 114 -16.07 7.45 7.12
CA LEU A 114 -17.37 7.19 6.51
C LEU A 114 -18.13 8.51 6.43
N GLY A 115 -19.30 8.47 5.82
CA GLY A 115 -20.19 9.62 5.78
C GLY A 115 -20.04 10.49 4.56
N ALA B 2 -7.26 14.30 -7.90
CA ALA B 2 -6.94 14.40 -6.47
C ALA B 2 -5.52 14.88 -6.25
N THR B 3 -5.33 15.60 -5.17
CA THR B 3 -4.01 16.08 -4.79
C THR B 3 -3.12 14.85 -4.54
N GLN B 4 -1.87 14.95 -4.98
CA GLN B 4 -0.86 13.92 -4.77
C GLN B 4 0.45 14.54 -4.24
N GLY B 5 1.32 13.72 -3.65
CA GLY B 5 2.58 14.17 -3.10
C GLY B 5 2.46 14.98 -1.80
N VAL B 6 1.29 14.97 -1.14
CA VAL B 6 1.11 15.66 0.16
C VAL B 6 0.80 14.60 1.23
N PHE B 7 1.52 14.65 2.35
CA PHE B 7 1.38 13.65 3.40
C PHE B 7 1.36 14.31 4.78
N THR B 8 0.46 13.86 5.66
CA THR B 8 0.44 14.36 7.03
C THR B 8 1.23 13.36 7.87
N LEU B 9 2.35 13.80 8.38
CA LEU B 9 3.12 12.96 9.27
C LEU B 9 2.79 13.37 10.70
N PRO B 10 3.20 12.56 11.67
CA PRO B 10 3.12 13.04 13.05
C PRO B 10 3.93 14.38 13.17
N ALA B 11 3.45 15.32 13.96
CA ALA B 11 4.13 16.60 14.06
C ALA B 11 5.49 16.44 14.71
N ASN B 12 6.36 17.36 14.36
CA ASN B 12 7.66 17.53 14.98
C ASN B 12 8.43 16.21 15.11
N THR B 13 8.48 15.49 14.00
CA THR B 13 9.04 14.14 13.92
C THR B 13 10.02 14.12 12.74
N ARG B 14 11.19 13.53 12.96
CA ARG B 14 12.20 13.34 11.90
C ARG B 14 11.74 12.31 10.88
N PHE B 15 11.99 12.60 9.61
CA PHE B 15 11.72 11.64 8.54
C PHE B 15 12.86 11.69 7.52
N GLY B 16 13.05 10.57 6.83
CA GLY B 16 14.01 10.52 5.71
C GLY B 16 13.32 10.75 4.40
N VAL B 17 13.98 11.47 3.49
CA VAL B 17 13.50 11.60 2.13
C VAL B 17 14.64 11.32 1.12
N THR B 18 14.34 10.49 0.13
CA THR B 18 15.33 10.04 -0.85
C THR B 18 14.71 10.08 -2.25
N ALA B 19 15.45 10.59 -3.25
CA ALA B 19 14.98 10.70 -4.62
C ALA B 19 15.90 9.98 -5.61
N PHE B 20 15.28 9.31 -6.58
CA PHE B 20 15.93 8.55 -7.64
C PHE B 20 15.50 9.11 -8.97
N ALA B 21 16.37 9.01 -9.97
CA ALA B 21 16.04 9.52 -11.33
C ALA B 21 16.07 8.44 -12.40
N ASN B 22 15.12 8.51 -13.35
CA ASN B 22 15.03 7.56 -14.46
C ASN B 22 14.45 8.26 -15.74
N SER B 23 15.26 9.15 -16.34
CA SER B 23 14.81 10.00 -17.41
C SER B 23 16.03 10.66 -18.04
N SER B 24 15.93 11.03 -19.31
CA SER B 24 16.98 11.86 -19.92
C SER B 24 16.86 13.33 -19.46
N GLY B 25 15.71 13.73 -18.91
CA GLY B 25 15.59 15.06 -18.32
C GLY B 25 16.18 15.14 -16.92
N THR B 26 16.85 16.26 -16.63
CA THR B 26 17.29 16.53 -15.27
C THR B 26 16.10 16.73 -14.37
N GLN B 27 16.08 16.03 -13.24
CA GLN B 27 14.97 16.12 -12.25
C GLN B 27 15.33 17.10 -11.15
N THR B 28 14.38 17.98 -10.81
CA THR B 28 14.49 18.77 -9.59
C THR B 28 13.30 18.46 -8.65
N VAL B 29 13.64 18.01 -7.45
CA VAL B 29 12.67 17.63 -6.41
C VAL B 29 12.77 18.64 -5.29
N ASN B 30 11.64 19.25 -4.94
CA ASN B 30 11.57 20.09 -3.76
C ASN B 30 10.71 19.43 -2.70
N VAL B 31 11.16 19.49 -1.45
CA VAL B 31 10.45 18.90 -0.32
C VAL B 31 10.11 20.09 0.55
N LEU B 32 8.81 20.28 0.77
N LEU B 32 8.80 20.31 0.72
CA LEU B 32 8.29 21.39 1.56
CA LEU B 32 8.28 21.39 1.55
C LEU B 32 7.76 20.92 2.90
C LEU B 32 7.87 20.84 2.92
N VAL B 33 8.18 21.62 3.96
CA VAL B 33 7.69 21.41 5.31
C VAL B 33 7.16 22.76 5.81
N ASN B 34 6.07 22.72 6.56
CA ASN B 34 5.16 23.88 6.77
C ASN B 34 5.19 24.90 5.60
N ASN B 35 4.77 24.38 4.45
CA ASN B 35 4.65 25.16 3.23
C ASN B 35 5.90 25.97 2.81
N GLU B 36 7.10 25.59 3.26
CA GLU B 36 8.34 26.24 2.80
C GLU B 36 9.30 25.18 2.33
N THR B 37 10.03 25.45 1.27
CA THR B 37 11.03 24.48 0.77
C THR B 37 12.08 24.22 1.84
N ALA B 38 12.27 22.95 2.18
CA ALA B 38 13.23 22.53 3.20
C ALA B 38 14.41 21.75 2.61
N ALA B 39 14.24 21.18 1.42
CA ALA B 39 15.34 20.49 0.74
C ALA B 39 15.07 20.53 -0.75
N THR B 40 16.13 20.58 -1.55
CA THR B 40 16.04 20.53 -3.01
C THR B 40 17.08 19.54 -3.54
N PHE B 41 16.64 18.58 -4.36
CA PHE B 41 17.55 17.61 -4.97
C PHE B 41 17.50 17.78 -6.48
N SER B 42 18.64 17.67 -7.18
CA SER B 42 18.63 17.71 -8.63
C SER B 42 19.63 16.75 -9.19
N GLY B 43 19.31 16.14 -10.32
CA GLY B 43 20.27 15.25 -10.97
C GLY B 43 19.62 14.57 -12.16
N GLN B 44 20.44 13.91 -12.99
CA GLN B 44 19.98 13.24 -14.19
C GLN B 44 20.56 11.83 -14.21
N SER B 45 19.70 10.83 -14.43
CA SER B 45 20.10 9.42 -14.54
C SER B 45 19.00 8.69 -15.29
N THR B 46 19.39 7.69 -16.09
CA THR B 46 18.44 6.74 -16.61
C THR B 46 18.66 5.39 -15.95
N ASN B 47 19.47 5.36 -14.90
CA ASN B 47 19.75 4.12 -14.19
C ASN B 47 19.49 4.21 -12.67
N ASN B 48 18.46 4.96 -12.27
CA ASN B 48 18.01 4.94 -10.88
C ASN B 48 18.99 5.50 -9.86
N ALA B 49 19.87 6.39 -10.30
CA ALA B 49 20.81 7.05 -9.41
C ALA B 49 20.07 7.77 -8.28
N VAL B 50 20.62 7.70 -7.07
CA VAL B 50 20.11 8.52 -6.00
C VAL B 50 20.56 9.95 -6.22
N ILE B 51 19.61 10.86 -6.48
CA ILE B 51 19.98 12.24 -6.74
C ILE B 51 19.96 13.12 -5.50
N GLY B 52 19.41 12.61 -4.41
CA GLY B 52 19.51 13.26 -3.12
C GLY B 52 18.84 12.48 -2.01
N THR B 53 19.26 12.79 -0.79
CA THR B 53 18.70 12.21 0.39
C THR B 53 18.94 13.20 1.56
N GLN B 54 18.01 13.28 2.50
CA GLN B 54 18.12 14.21 3.63
C GLN B 54 17.26 13.66 4.75
N VAL B 55 17.53 14.13 5.98
CA VAL B 55 16.68 13.98 7.15
C VAL B 55 16.13 15.36 7.49
N LEU B 56 14.81 15.41 7.66
CA LEU B 56 14.08 16.65 8.00
C LEU B 56 13.14 16.41 9.17
N ASN B 57 12.65 17.51 9.73
CA ASN B 57 11.66 17.48 10.82
C ASN B 57 10.32 17.90 10.25
N SER B 58 9.25 17.17 10.56
CA SER B 58 7.93 17.39 9.94
C SER B 58 7.21 18.67 10.40
N GLY B 59 7.72 19.32 11.45
CA GLY B 59 7.19 20.63 11.85
C GLY B 59 5.83 20.60 12.55
N SER B 60 5.28 21.80 12.76
N SER B 60 5.27 21.79 12.78
CA SER B 60 4.05 21.97 13.53
CA SER B 60 4.05 21.92 13.58
C SER B 60 2.90 21.15 13.00
C SER B 60 2.88 21.13 13.01
N SER B 61 2.64 21.26 11.70
CA SER B 61 1.48 20.59 11.08
C SER B 61 1.74 19.16 10.72
N GLY B 62 3.00 18.78 10.65
CA GLY B 62 3.36 17.51 10.07
C GLY B 62 3.16 17.39 8.57
N LYS B 63 2.74 18.47 7.90
CA LYS B 63 2.48 18.42 6.44
C LYS B 63 3.77 18.48 5.64
N VAL B 64 3.98 17.45 4.83
CA VAL B 64 5.15 17.36 3.97
C VAL B 64 4.66 17.27 2.53
N GLN B 65 5.22 18.11 1.65
CA GLN B 65 4.83 18.10 0.26
C GLN B 65 6.03 17.86 -0.64
N VAL B 66 5.87 16.94 -1.59
CA VAL B 66 6.88 16.71 -2.65
C VAL B 66 6.44 17.32 -3.98
N GLN B 67 7.31 18.12 -4.60
CA GLN B 67 7.03 18.69 -5.92
C GLN B 67 8.18 18.34 -6.84
N VAL B 68 7.88 18.01 -8.11
CA VAL B 68 8.89 17.61 -9.06
C VAL B 68 8.75 18.41 -10.32
N SER B 69 9.86 18.95 -10.82
CA SER B 69 9.84 19.63 -12.10
C SER B 69 11.03 19.27 -12.97
N VAL B 70 10.87 19.40 -14.28
CA VAL B 70 11.91 19.04 -15.25
C VAL B 70 11.94 20.15 -16.30
N ASN B 71 13.08 20.81 -16.46
CA ASN B 71 13.17 21.96 -17.37
C ASN B 71 12.08 23.00 -17.07
N GLY B 72 11.80 23.22 -15.79
CA GLY B 72 10.84 24.22 -15.33
C GLY B 72 9.37 23.81 -15.40
N ARG B 73 9.11 22.61 -15.88
CA ARG B 73 7.74 22.17 -16.04
C ARG B 73 7.33 21.17 -14.95
N PRO B 74 6.23 21.43 -14.27
CA PRO B 74 5.78 20.54 -13.20
C PRO B 74 5.48 19.13 -13.71
N SER B 75 6.07 18.12 -13.09
CA SER B 75 5.79 16.74 -13.50
C SER B 75 4.45 16.30 -12.91
N ASP B 76 3.81 15.35 -13.56
CA ASP B 76 2.54 14.80 -13.03
C ASP B 76 2.87 13.79 -11.97
N LEU B 77 2.23 13.92 -10.80
CA LEU B 77 2.55 13.05 -9.69
C LEU B 77 1.54 11.95 -9.35
N VAL B 78 2.04 10.81 -8.84
N VAL B 78 2.05 10.84 -8.80
CA VAL B 78 1.20 9.78 -8.20
CA VAL B 78 1.22 9.80 -8.18
C VAL B 78 1.81 9.45 -6.84
C VAL B 78 1.82 9.49 -6.82
N SER B 79 0.97 9.13 -5.86
CA SER B 79 1.44 8.88 -4.49
C SER B 79 0.52 8.03 -3.67
N ALA B 80 1.06 7.46 -2.59
CA ALA B 80 0.27 6.78 -1.59
C ALA B 80 1.16 6.62 -0.34
N GLN B 81 0.52 6.34 0.80
CA GLN B 81 1.22 6.00 2.05
C GLN B 81 0.88 4.58 2.46
N VAL B 82 1.86 3.83 2.94
N VAL B 82 1.88 3.87 2.99
CA VAL B 82 1.60 2.48 3.43
CA VAL B 82 1.73 2.49 3.41
C VAL B 82 2.28 2.28 4.78
C VAL B 82 2.29 2.33 4.82
N ILE B 83 1.61 1.54 5.66
CA ILE B 83 2.07 1.32 7.05
C ILE B 83 2.16 -0.17 7.29
N LEU B 84 3.33 -0.63 7.70
CA LEU B 84 3.59 -2.04 8.02
C LEU B 84 3.69 -2.23 9.53
N THR B 85 3.13 -3.36 9.99
CA THR B 85 2.94 -3.71 11.42
C THR B 85 2.57 -2.53 12.30
N ASN B 86 1.73 -1.65 11.77
CA ASN B 86 1.15 -0.55 12.57
C ASN B 86 2.21 0.40 13.14
N GLU B 87 3.35 0.48 12.47
CA GLU B 87 4.50 1.22 13.00
C GLU B 87 5.36 1.88 11.93
N LEU B 88 5.71 1.13 10.89
CA LEU B 88 6.65 1.59 9.88
C LEU B 88 5.92 2.22 8.71
N ASN B 89 6.25 3.49 8.45
CA ASN B 89 5.54 4.30 7.45
C ASN B 89 6.43 4.60 6.22
N PHE B 90 5.84 4.44 5.04
CA PHE B 90 6.42 4.84 3.76
C PHE B 90 5.46 5.77 3.05
N ALA B 91 5.94 6.92 2.55
CA ALA B 91 5.16 7.79 1.70
C ALA B 91 5.91 7.79 0.37
N LEU B 92 5.19 7.43 -0.69
CA LEU B 92 5.76 7.05 -1.95
C LEU B 92 5.28 8.00 -3.01
N VAL B 93 6.19 8.47 -3.86
CA VAL B 93 5.85 9.38 -4.95
C VAL B 93 6.49 8.90 -6.26
N GLY B 94 5.67 8.86 -7.31
CA GLY B 94 6.19 8.69 -8.67
C GLY B 94 5.85 9.94 -9.47
N SER B 95 6.55 10.14 -10.58
CA SER B 95 6.31 11.33 -11.40
C SER B 95 6.59 11.09 -12.88
N GLU B 96 5.87 11.82 -13.72
CA GLU B 96 5.98 11.67 -15.18
C GLU B 96 6.31 13.02 -15.80
N ASP B 97 7.40 13.06 -16.56
CA ASP B 97 7.88 14.28 -17.22
C ASP B 97 7.77 14.23 -18.76
N GLY B 98 7.14 13.17 -19.32
CA GLY B 98 7.12 12.89 -20.76
C GLY B 98 5.83 12.23 -21.21
N THR B 99 5.92 11.29 -22.16
CA THR B 99 4.74 10.74 -22.79
C THR B 99 4.54 9.23 -22.65
N ASP B 100 5.49 8.53 -22.05
CA ASP B 100 5.40 7.08 -21.96
C ASP B 100 4.71 6.53 -20.69
N ASN B 101 4.33 7.41 -19.78
CA ASN B 101 3.64 7.04 -18.54
C ASN B 101 4.28 5.91 -17.75
N ASP B 102 5.59 5.95 -17.61
CA ASP B 102 6.27 5.01 -16.74
C ASP B 102 6.29 5.52 -15.29
N TYR B 103 6.07 6.83 -15.09
CA TYR B 103 5.97 7.45 -13.75
C TYR B 103 7.17 7.17 -12.81
N ASN B 104 8.34 6.89 -13.41
CA ASN B 104 9.57 6.63 -12.61
C ASN B 104 10.59 7.74 -12.81
N ASP B 105 10.19 8.85 -13.45
CA ASP B 105 11.17 9.78 -13.98
C ASP B 105 11.90 10.41 -12.84
N ALA B 106 11.14 10.80 -11.80
CA ALA B 106 11.69 10.89 -10.46
C ALA B 106 10.81 10.10 -9.52
N VAL B 107 11.47 9.33 -8.68
CA VAL B 107 10.81 8.50 -7.68
C VAL B 107 11.28 9.01 -6.32
N VAL B 108 10.33 9.26 -5.41
CA VAL B 108 10.65 9.79 -4.08
C VAL B 108 10.04 8.91 -3.01
N VAL B 109 10.87 8.56 -2.03
CA VAL B 109 10.49 7.74 -0.91
C VAL B 109 10.74 8.51 0.37
N ILE B 110 9.69 8.64 1.18
CA ILE B 110 9.76 9.27 2.50
C ILE B 110 9.51 8.15 3.51
N ASN B 111 10.33 8.07 4.56
CA ASN B 111 10.12 7.02 5.59
C ASN B 111 10.29 7.56 7.00
N TRP B 112 9.49 7.01 7.90
CA TRP B 112 9.60 7.28 9.34
C TRP B 112 8.97 6.11 10.11
N PRO B 113 9.27 5.95 11.40
CA PRO B 113 10.25 6.77 12.14
C PRO B 113 11.70 6.47 11.77
N LEU B 114 12.58 7.39 12.16
CA LEU B 114 14.02 7.21 12.13
C LEU B 114 14.57 6.88 13.50
N GLY B 115 15.87 6.61 13.56
CA GLY B 115 16.61 6.45 14.79
C GLY B 115 16.63 5.02 15.31
N ALA C 2 3.57 -15.67 8.43
CA ALA C 2 3.70 -15.60 6.95
C ALA C 2 5.08 -15.13 6.50
N THR C 3 5.51 -15.68 5.36
CA THR C 3 6.80 -15.32 4.78
C THR C 3 6.81 -13.83 4.46
N GLN C 4 7.95 -13.20 4.70
CA GLN C 4 8.14 -11.81 4.41
C GLN C 4 9.50 -11.61 3.75
N GLY C 5 9.60 -10.52 3.01
CA GLY C 5 10.84 -10.14 2.32
C GLY C 5 11.14 -10.90 1.03
N VAL C 6 10.12 -11.60 0.49
CA VAL C 6 10.23 -12.33 -0.78
C VAL C 6 9.24 -11.74 -1.79
N PHE C 7 9.73 -11.45 -3.01
CA PHE C 7 8.90 -10.79 -4.05
C PHE C 7 9.11 -11.47 -5.41
N THR C 8 8.03 -11.62 -6.18
CA THR C 8 8.12 -12.09 -7.52
C THR C 8 8.06 -10.86 -8.44
N LEU C 9 9.15 -10.61 -9.15
CA LEU C 9 9.21 -9.54 -10.15
C LEU C 9 8.91 -10.15 -11.50
N PRO C 10 8.58 -9.31 -12.47
CA PRO C 10 8.57 -9.75 -13.86
C PRO C 10 9.96 -10.31 -14.17
N ALA C 11 10.02 -11.38 -14.94
CA ALA C 11 11.30 -11.94 -15.37
C ALA C 11 12.16 -10.95 -16.16
N ASN C 12 13.48 -11.11 -16.00
CA ASN C 12 14.46 -10.40 -16.82
C ASN C 12 14.28 -8.87 -16.82
N THR C 13 14.02 -8.33 -15.64
CA THR C 13 13.72 -6.92 -15.51
C THR C 13 14.73 -6.28 -14.58
N ARG C 14 15.27 -5.13 -14.99
CA ARG C 14 16.14 -4.35 -14.11
C ARG C 14 15.31 -3.71 -12.97
N PHE C 15 15.83 -3.80 -11.76
CA PHE C 15 15.23 -3.13 -10.62
C PHE C 15 16.30 -2.45 -9.75
N GLY C 16 15.90 -1.38 -9.07
CA GLY C 16 16.72 -0.78 -8.05
C GLY C 16 16.49 -1.42 -6.69
N VAL C 17 17.55 -1.50 -5.91
CA VAL C 17 17.45 -1.89 -4.51
C VAL C 17 18.32 -0.99 -3.63
N THR C 18 17.73 -0.47 -2.59
CA THR C 18 18.39 0.58 -1.75
C THR C 18 18.09 0.26 -0.28
N ALA C 19 19.14 0.28 0.54
CA ALA C 19 19.01 -0.04 1.94
C ALA C 19 19.36 1.18 2.81
N PHE C 20 18.61 1.32 3.92
CA PHE C 20 18.73 2.41 4.89
C PHE C 20 18.91 1.79 6.28
N ALA C 21 19.69 2.46 7.17
CA ALA C 21 19.92 1.97 8.51
C ALA C 21 19.45 2.96 9.56
N ASN C 22 18.88 2.42 10.64
CA ASN C 22 18.42 3.19 11.80
C ASN C 22 18.55 2.36 13.10
N SER C 23 19.80 2.15 13.50
CA SER C 23 20.12 1.31 14.63
C SER C 23 21.56 1.57 15.03
N SER C 24 21.85 1.25 16.28
CA SER C 24 23.26 1.27 16.75
C SER C 24 24.01 0.00 16.31
N GLY C 25 23.28 -1.03 15.87
CA GLY C 25 23.90 -2.25 15.43
C GLY C 25 24.22 -2.16 13.95
N THR C 26 25.33 -2.81 13.56
CA THR C 26 25.71 -2.86 12.15
C THR C 26 24.74 -3.74 11.39
N GLN C 27 24.09 -3.20 10.35
CA GLN C 27 23.14 -3.98 9.57
C GLN C 27 23.87 -4.62 8.42
N THR C 28 23.57 -5.89 8.17
CA THR C 28 23.99 -6.60 6.97
C THR C 28 22.77 -6.90 6.14
N VAL C 29 22.70 -6.32 4.94
CA VAL C 29 21.56 -6.57 4.03
C VAL C 29 22.03 -7.37 2.83
N ASN C 30 21.40 -8.54 2.60
CA ASN C 30 21.72 -9.38 1.47
C ASN C 30 20.50 -9.44 0.57
N VAL C 31 20.73 -9.21 -0.73
CA VAL C 31 19.66 -9.28 -1.72
C VAL C 31 19.94 -10.50 -2.60
N LEU C 32 19.02 -11.45 -2.58
CA LEU C 32 19.11 -12.72 -3.35
C LEU C 32 18.28 -12.63 -4.61
N VAL C 33 18.82 -13.13 -5.73
CA VAL C 33 18.02 -13.28 -6.95
C VAL C 33 18.13 -14.76 -7.33
N ASN C 34 16.98 -15.42 -7.49
CA ASN C 34 16.92 -16.87 -7.70
C ASN C 34 17.80 -17.63 -6.70
N ASN C 35 17.67 -17.22 -5.44
CA ASN C 35 18.29 -17.88 -4.28
C ASN C 35 19.80 -17.75 -4.18
N GLU C 36 20.39 -16.83 -4.92
CA GLU C 36 21.82 -16.56 -4.80
C GLU C 36 22.07 -15.08 -4.54
N THR C 37 23.00 -14.81 -3.64
CA THR C 37 23.34 -13.43 -3.29
C THR C 37 23.83 -12.63 -4.49
N ALA C 38 23.14 -11.53 -4.77
CA ALA C 38 23.47 -10.63 -5.89
C ALA C 38 23.99 -9.24 -5.43
N ALA C 39 23.63 -8.85 -4.21
CA ALA C 39 24.10 -7.56 -3.65
C ALA C 39 24.17 -7.66 -2.13
N THR C 40 25.20 -7.04 -1.55
CA THR C 40 25.35 -7.03 -0.10
C THR C 40 25.77 -5.63 0.35
N PHE C 41 25.13 -5.12 1.41
CA PHE C 41 25.42 -3.79 1.96
C PHE C 41 25.56 -3.91 3.46
N SER C 42 26.49 -3.16 4.06
CA SER C 42 26.64 -3.15 5.49
C SER C 42 26.89 -1.74 6.01
N GLY C 43 26.44 -1.44 7.21
CA GLY C 43 26.64 -0.10 7.73
C GLY C 43 25.86 0.13 8.99
N GLN C 44 26.28 1.16 9.72
CA GLN C 44 25.64 1.54 10.94
C GLN C 44 25.25 3.03 10.83
N SER C 45 24.00 3.31 11.20
CA SER C 45 23.43 4.68 11.15
C SER C 45 22.18 4.74 12.00
N THR C 46 21.98 5.87 12.70
CA THR C 46 20.68 6.19 13.29
C THR C 46 19.99 7.36 12.59
N ASN C 47 20.48 7.68 11.39
CA ASN C 47 20.02 8.82 10.61
C ASN C 47 19.61 8.44 9.17
N ASN C 48 19.16 7.22 8.99
CA ASN C 48 18.63 6.79 7.70
C ASN C 48 19.67 6.86 6.57
N ALA C 49 20.95 6.63 6.89
CA ALA C 49 21.99 6.57 5.87
C ALA C 49 21.62 5.54 4.81
N VAL C 50 21.96 5.85 3.55
CA VAL C 50 21.82 4.89 2.47
C VAL C 50 23.07 4.04 2.50
N ILE C 51 22.99 2.89 3.16
CA ILE C 51 24.16 2.03 3.31
C ILE C 51 24.51 1.31 2.02
N GLY C 52 23.61 1.32 1.03
CA GLY C 52 23.96 0.92 -0.32
C GLY C 52 22.79 0.99 -1.25
N THR C 53 23.10 1.14 -2.55
CA THR C 53 22.11 1.06 -3.58
C THR C 53 22.69 0.39 -4.81
N GLN C 54 21.86 -0.32 -5.55
CA GLN C 54 22.36 -1.08 -6.69
C GLN C 54 21.23 -1.31 -7.68
N VAL C 55 21.60 -1.49 -8.94
CA VAL C 55 20.68 -1.98 -9.96
C VAL C 55 21.01 -3.44 -10.25
N LEU C 56 19.97 -4.28 -10.22
CA LEU C 56 20.10 -5.71 -10.47
C LEU C 56 19.06 -6.13 -11.53
N ASN C 57 19.21 -7.36 -12.01
CA ASN C 57 18.28 -7.95 -12.95
C ASN C 57 17.62 -9.15 -12.29
N SER C 58 16.31 -9.22 -12.40
CA SER C 58 15.53 -10.24 -11.76
C SER C 58 15.72 -11.64 -12.35
N GLY C 59 16.30 -11.73 -13.56
CA GLY C 59 16.61 -13.04 -14.15
C GLY C 59 15.38 -13.84 -14.56
N SER C 60 15.57 -15.11 -14.91
CA SER C 60 14.47 -15.94 -15.44
C SER C 60 13.35 -16.26 -14.44
N SER C 61 13.68 -16.38 -13.15
CA SER C 61 12.70 -16.72 -12.12
C SER C 61 11.92 -15.54 -11.59
N GLY C 62 12.49 -14.34 -11.66
CA GLY C 62 11.86 -13.16 -11.04
C GLY C 62 11.87 -13.17 -9.49
N LYS C 63 12.47 -14.19 -8.88
CA LYS C 63 12.42 -14.30 -7.43
C LYS C 63 13.48 -13.42 -6.75
N VAL C 64 13.03 -12.45 -5.97
CA VAL C 64 13.94 -11.58 -5.26
C VAL C 64 13.65 -11.67 -3.78
N GLN C 65 14.71 -11.88 -2.97
CA GLN C 65 14.56 -12.04 -1.51
C GLN C 65 15.52 -11.11 -0.79
N VAL C 66 15.01 -10.40 0.19
CA VAL C 66 15.84 -9.56 1.09
C VAL C 66 16.05 -10.29 2.41
N GLN C 67 17.31 -10.33 2.85
CA GLN C 67 17.66 -10.84 4.16
C GLN C 67 18.44 -9.78 4.94
N VAL C 68 18.15 -9.66 6.24
CA VAL C 68 18.80 -8.66 7.09
C VAL C 68 19.31 -9.41 8.35
N SER C 69 20.57 -9.19 8.70
CA SER C 69 21.07 -9.68 9.99
C SER C 69 22.05 -8.70 10.62
N VAL C 70 22.28 -8.91 11.89
CA VAL C 70 23.23 -8.10 12.67
C VAL C 70 24.19 -9.12 13.26
N ASN C 71 25.44 -9.08 12.77
CA ASN C 71 26.48 -10.06 13.09
C ASN C 71 25.95 -11.51 13.13
N GLY C 72 25.33 -11.91 12.02
CA GLY C 72 24.84 -13.27 11.82
C GLY C 72 23.49 -13.58 12.45
N ARG C 73 22.93 -12.66 13.25
CA ARG C 73 21.60 -12.89 13.86
C ARG C 73 20.52 -12.30 12.96
N PRO C 74 19.65 -13.12 12.37
CA PRO C 74 18.60 -12.60 11.48
C PRO C 74 17.62 -11.68 12.22
N SER C 75 17.28 -10.57 11.58
CA SER C 75 16.25 -9.66 12.07
C SER C 75 14.87 -10.14 11.69
N ASP C 76 13.84 -9.62 12.35
CA ASP C 76 12.46 -9.96 12.01
C ASP C 76 11.97 -9.00 10.92
N LEU C 77 11.52 -9.54 9.78
CA LEU C 77 11.14 -8.72 8.63
C LEU C 77 9.63 -8.48 8.47
N VAL C 78 9.29 -7.33 7.93
CA VAL C 78 7.94 -7.05 7.49
C VAL C 78 8.03 -6.50 6.07
N SER C 79 7.04 -6.78 5.24
CA SER C 79 7.11 -6.35 3.83
C SER C 79 5.74 -6.21 3.18
N ALA C 80 5.71 -5.55 2.04
CA ALA C 80 4.55 -5.49 1.18
C ALA C 80 4.98 -4.92 -0.17
N GLN C 81 4.15 -5.10 -1.20
CA GLN C 81 4.35 -4.46 -2.53
C GLN C 81 3.18 -3.52 -2.81
N VAL C 82 3.48 -2.33 -3.33
N VAL C 82 3.51 -2.35 -3.36
CA VAL C 82 2.44 -1.38 -3.76
CA VAL C 82 2.57 -1.30 -3.77
C VAL C 82 2.74 -0.89 -5.18
C VAL C 82 2.77 -0.99 -5.26
N ILE C 83 1.67 -0.80 -5.98
CA ILE C 83 1.70 -0.39 -7.38
C ILE C 83 0.86 0.87 -7.54
N LEU C 84 1.50 1.90 -8.12
CA LEU C 84 0.86 3.18 -8.37
C LEU C 84 0.61 3.35 -9.87
N THR C 85 -0.51 3.98 -10.20
CA THR C 85 -1.04 4.05 -11.56
C THR C 85 -0.78 2.81 -12.46
N ASN C 86 -0.92 1.60 -11.88
CA ASN C 86 -0.83 0.33 -12.63
C ASN C 86 0.50 0.21 -13.38
N GLU C 87 1.52 0.89 -12.91
CA GLU C 87 2.82 0.92 -13.62
C GLU C 87 4.02 0.87 -12.66
N LEU C 88 3.99 1.72 -11.65
CA LEU C 88 5.16 1.96 -10.81
C LEU C 88 5.13 1.04 -9.61
N ASN C 89 6.18 0.22 -9.43
CA ASN C 89 6.20 -0.80 -8.39
C ASN C 89 7.20 -0.52 -7.27
N PHE C 90 6.77 -0.68 -6.01
CA PHE C 90 7.64 -0.60 -4.85
C PHE C 90 7.49 -1.89 -4.08
N ALA C 91 8.61 -2.56 -3.80
CA ALA C 91 8.63 -3.69 -2.87
C ALA C 91 9.38 -3.15 -1.65
N LEU C 92 8.74 -3.26 -0.48
CA LEU C 92 9.16 -2.56 0.74
C LEU C 92 9.45 -3.54 1.85
N VAL C 93 10.56 -3.31 2.54
CA VAL C 93 10.95 -4.16 3.63
C VAL C 93 11.36 -3.30 4.85
N GLY C 94 10.87 -3.67 6.00
CA GLY C 94 11.36 -3.18 7.27
C GLY C 94 11.86 -4.35 8.10
N SER C 95 12.60 -4.05 9.16
CA SER C 95 13.22 -5.12 9.98
C SER C 95 13.48 -4.64 11.41
N GLU C 96 13.40 -5.58 12.36
CA GLU C 96 13.66 -5.30 13.76
C GLU C 96 14.81 -6.16 14.30
N ASP C 97 15.77 -5.47 14.91
CA ASP C 97 16.96 -6.12 15.40
C ASP C 97 17.06 -6.11 16.93
N GLY C 98 16.08 -5.52 17.60
CA GLY C 98 16.14 -5.29 19.02
C GLY C 98 14.82 -5.54 19.70
N THR C 99 14.50 -4.67 20.65
CA THR C 99 13.34 -4.85 21.52
C THR C 99 12.31 -3.73 21.48
N ASP C 100 12.60 -2.66 20.76
CA ASP C 100 11.70 -1.53 20.74
C ASP C 100 10.59 -1.60 19.67
N ASN C 101 10.67 -2.57 18.77
CA ASN C 101 9.72 -2.71 17.65
C ASN C 101 9.44 -1.46 16.84
N ASP C 102 10.48 -0.67 16.56
CA ASP C 102 10.31 0.40 15.56
C ASP C 102 10.38 -0.12 14.13
N TYR C 103 10.90 -1.33 13.92
CA TYR C 103 10.95 -1.96 12.61
C TYR C 103 11.63 -1.15 11.51
N ASN C 104 12.54 -0.26 11.88
CA ASN C 104 13.22 0.61 10.90
C ASN C 104 14.74 0.33 10.90
N ASP C 105 15.15 -0.76 11.53
CA ASP C 105 16.57 -0.91 11.85
C ASP C 105 17.42 -1.07 10.60
N ALA C 106 16.93 -1.87 9.66
CA ALA C 106 17.29 -1.73 8.25
C ALA C 106 15.98 -1.65 7.48
N VAL C 107 15.93 -0.72 6.55
CA VAL C 107 14.78 -0.52 5.65
C VAL C 107 15.28 -0.70 4.24
N VAL C 108 14.53 -1.46 3.43
CA VAL C 108 14.95 -1.74 2.06
C VAL C 108 13.83 -1.40 1.10
N VAL C 109 14.17 -0.61 0.08
CA VAL C 109 13.23 -0.28 -0.97
C VAL C 109 13.71 -0.83 -2.29
N ILE C 110 12.83 -1.62 -2.92
CA ILE C 110 13.00 -2.11 -4.29
C ILE C 110 12.02 -1.39 -5.22
N ASN C 111 12.50 -0.91 -6.37
CA ASN C 111 11.64 -0.17 -7.31
C ASN C 111 11.89 -0.58 -8.73
N TRP C 112 10.81 -0.70 -9.50
CA TRP C 112 10.88 -0.95 -10.94
C TRP C 112 9.60 -0.41 -11.58
N PRO C 113 9.53 -0.23 -12.89
CA PRO C 113 10.65 -0.30 -13.81
C PRO C 113 11.63 0.86 -13.71
N LEU C 114 12.81 0.64 -14.29
CA LEU C 114 13.85 1.67 -14.42
C LEU C 114 13.91 2.29 -15.82
N GLY C 115 14.73 3.32 -15.94
CA GLY C 115 15.02 3.88 -17.24
C GLY C 115 14.09 4.93 -17.76
N ALA D 2 -2.54 11.34 -13.42
CA ALA D 2 -2.31 9.96 -13.91
C ALA D 2 -3.64 9.24 -13.97
N THR D 3 -3.73 8.26 -14.84
CA THR D 3 -4.88 7.34 -14.86
C THR D 3 -5.03 6.68 -13.51
N GLN D 4 -6.29 6.54 -13.08
CA GLN D 4 -6.63 5.85 -11.82
C GLN D 4 -7.83 4.94 -12.09
N GLY D 5 -7.95 3.90 -11.28
CA GLY D 5 -9.06 2.96 -11.40
C GLY D 5 -8.88 1.92 -12.47
N VAL D 6 -7.67 1.81 -13.02
CA VAL D 6 -7.31 0.75 -13.98
C VAL D 6 -6.21 -0.18 -13.42
N PHE D 7 -6.45 -1.49 -13.47
CA PHE D 7 -5.58 -2.51 -12.92
C PHE D 7 -5.38 -3.63 -13.89
N THR D 8 -4.15 -4.12 -14.03
CA THR D 8 -3.89 -5.31 -14.83
C THR D 8 -3.82 -6.51 -13.89
N LEU D 9 -4.83 -7.37 -14.00
CA LEU D 9 -4.82 -8.59 -13.26
C LEU D 9 -4.12 -9.69 -14.09
N PRO D 10 -3.77 -10.79 -13.45
CA PRO D 10 -3.39 -11.98 -14.20
C PRO D 10 -4.55 -12.39 -15.11
N ALA D 11 -4.21 -12.88 -16.30
CA ALA D 11 -5.22 -13.24 -17.27
C ALA D 11 -6.15 -14.35 -16.76
N ASN D 12 -7.39 -14.26 -17.19
CA ASN D 12 -8.39 -15.31 -17.02
C ASN D 12 -8.51 -15.74 -15.58
N THR D 13 -8.54 -14.78 -14.67
CA THR D 13 -8.50 -15.02 -13.23
C THR D 13 -9.78 -14.49 -12.59
N ARG D 14 -10.40 -15.30 -11.74
CA ARG D 14 -11.59 -14.83 -11.01
C ARG D 14 -11.17 -13.83 -9.93
N PHE D 15 -11.94 -12.77 -9.79
CA PHE D 15 -11.69 -11.77 -8.72
C PHE D 15 -13.02 -11.29 -8.14
N GLY D 16 -12.95 -10.77 -6.92
CA GLY D 16 -14.09 -10.09 -6.32
C GLY D 16 -14.03 -8.60 -6.51
N VAL D 17 -15.21 -8.02 -6.70
CA VAL D 17 -15.36 -6.60 -6.72
C VAL D 17 -16.56 -6.19 -5.84
N THR D 18 -16.31 -5.22 -4.97
CA THR D 18 -17.26 -4.81 -3.91
C THR D 18 -17.24 -3.29 -3.81
N ALA D 19 -18.43 -2.69 -3.76
CA ALA D 19 -18.61 -1.25 -3.66
C ALA D 19 -19.38 -0.83 -2.41
N PHE D 20 -18.84 0.22 -1.75
CA PHE D 20 -19.41 0.85 -0.56
C PHE D 20 -19.77 2.31 -0.89
N ALA D 21 -20.88 2.81 -0.34
CA ALA D 21 -21.31 4.23 -0.55
C ALA D 21 -21.24 5.05 0.72
N ASN D 22 -20.79 6.30 0.55
CA ASN D 22 -20.75 7.30 1.65
C ASN D 22 -20.98 8.72 1.11
N SER D 23 -22.20 8.99 0.69
CA SER D 23 -22.55 10.27 0.06
C SER D 23 -24.03 10.44 0.06
N SER D 24 -24.49 11.69 0.08
CA SER D 24 -25.92 11.96 -0.15
C SER D 24 -26.37 11.71 -1.60
N GLY D 25 -25.42 11.65 -2.53
CA GLY D 25 -25.71 11.36 -3.93
C GLY D 25 -25.79 9.88 -4.20
N THR D 26 -26.69 9.47 -5.08
CA THR D 26 -26.73 8.08 -5.53
C THR D 26 -25.50 7.71 -6.36
N GLN D 27 -24.78 6.69 -5.94
CA GLN D 27 -23.57 6.27 -6.65
C GLN D 27 -23.89 5.23 -7.73
N THR D 28 -23.23 5.37 -8.88
CA THR D 28 -23.21 4.34 -9.93
C THR D 28 -21.77 3.90 -10.20
N VAL D 29 -21.50 2.63 -9.95
CA VAL D 29 -20.16 2.06 -10.15
C VAL D 29 -20.22 1.11 -11.33
N ASN D 30 -19.41 1.39 -12.35
CA ASN D 30 -19.27 0.48 -13.47
C ASN D 30 -17.90 -0.17 -13.47
N VAL D 31 -17.90 -1.49 -13.71
CA VAL D 31 -16.68 -2.29 -13.79
C VAL D 31 -16.57 -2.85 -15.19
N LEU D 32 -15.49 -2.46 -15.89
CA LEU D 32 -15.22 -2.86 -17.24
C LEU D 32 -14.12 -3.93 -17.25
N VAL D 33 -14.31 -4.97 -18.06
CA VAL D 33 -13.26 -5.99 -18.30
C VAL D 33 -13.00 -5.99 -19.81
N ASN D 34 -11.72 -5.89 -20.19
CA ASN D 34 -11.29 -5.69 -21.60
C ASN D 34 -12.15 -4.64 -22.30
N ASN D 35 -12.26 -3.50 -21.63
CA ASN D 35 -12.95 -2.33 -22.11
C ASN D 35 -14.45 -2.48 -22.36
N GLU D 36 -15.08 -3.47 -21.76
CA GLU D 36 -16.53 -3.51 -21.80
C GLU D 36 -17.17 -3.78 -20.45
N THR D 37 -18.34 -3.19 -20.23
CA THR D 37 -19.01 -3.26 -18.95
C THR D 37 -19.34 -4.69 -18.59
N ALA D 38 -18.85 -5.12 -17.43
CA ALA D 38 -19.07 -6.47 -16.94
C ALA D 38 -19.99 -6.46 -15.72
N ALA D 39 -20.07 -5.31 -15.04
CA ALA D 39 -20.92 -5.15 -13.87
C ALA D 39 -21.23 -3.71 -13.57
N THR D 40 -22.40 -3.51 -12.97
CA THR D 40 -22.84 -2.17 -12.52
C THR D 40 -23.51 -2.31 -11.14
N PHE D 41 -23.08 -1.47 -10.21
CA PHE D 41 -23.65 -1.41 -8.86
C PHE D 41 -24.18 0.01 -8.67
N SER D 42 -25.21 0.15 -7.83
CA SER D 42 -25.77 1.47 -7.47
C SER D 42 -26.46 1.44 -6.11
N GLY D 43 -26.40 2.55 -5.40
CA GLY D 43 -27.14 2.72 -4.16
C GLY D 43 -26.86 4.08 -3.57
N GLN D 44 -27.43 4.36 -2.39
CA GLN D 44 -27.25 5.64 -1.71
C GLN D 44 -27.23 5.39 -0.20
N SER D 45 -26.07 5.64 0.40
CA SER D 45 -25.88 5.48 1.80
C SER D 45 -24.85 6.50 2.28
N THR D 46 -24.99 6.98 3.51
CA THR D 46 -23.89 7.72 4.15
C THR D 46 -23.28 6.94 5.33
N ASN D 47 -23.47 5.60 5.30
CA ASN D 47 -22.98 4.74 6.35
C ASN D 47 -22.40 3.44 5.77
N ASN D 48 -21.76 3.56 4.61
CA ASN D 48 -20.89 2.49 4.09
C ASN D 48 -21.67 1.25 3.63
N ALA D 49 -22.90 1.40 3.16
CA ALA D 49 -23.63 0.25 2.65
C ALA D 49 -22.86 -0.45 1.51
N VAL D 50 -22.96 -1.78 1.45
CA VAL D 50 -22.31 -2.60 0.45
C VAL D 50 -23.33 -2.67 -0.69
N ILE D 51 -23.22 -1.72 -1.62
CA ILE D 51 -24.24 -1.56 -2.68
C ILE D 51 -24.12 -2.63 -3.76
N GLY D 52 -22.98 -3.29 -3.83
CA GLY D 52 -22.82 -4.43 -4.70
C GLY D 52 -21.57 -5.21 -4.40
N THR D 53 -21.62 -6.49 -4.73
CA THR D 53 -20.47 -7.38 -4.68
C THR D 53 -20.73 -8.51 -5.69
N GLN D 54 -19.67 -8.86 -6.42
CA GLN D 54 -19.76 -9.82 -7.52
C GLN D 54 -18.39 -10.45 -7.81
N VAL D 55 -18.44 -11.68 -8.29
CA VAL D 55 -17.23 -12.35 -8.82
C VAL D 55 -17.23 -12.22 -10.33
N LEU D 56 -16.10 -11.75 -10.87
CA LEU D 56 -15.92 -11.63 -12.31
C LEU D 56 -14.62 -12.37 -12.75
N ASN D 57 -14.45 -12.54 -14.05
CA ASN D 57 -13.21 -13.11 -14.62
C ASN D 57 -12.48 -12.03 -15.39
N SER D 58 -11.18 -11.92 -15.17
CA SER D 58 -10.39 -10.83 -15.77
C SER D 58 -10.18 -10.97 -17.29
N GLY D 59 -10.46 -12.16 -17.83
CA GLY D 59 -10.39 -12.35 -19.28
C GLY D 59 -8.97 -12.43 -19.83
N SER D 60 -8.85 -12.49 -21.15
CA SER D 60 -7.53 -12.76 -21.73
C SER D 60 -6.54 -11.62 -21.53
N SER D 61 -7.01 -10.37 -21.38
CA SER D 61 -6.13 -9.21 -21.25
C SER D 61 -5.77 -8.91 -19.80
N GLY D 62 -6.61 -9.35 -18.87
CA GLY D 62 -6.42 -9.02 -17.47
C GLY D 62 -6.80 -7.58 -17.12
N LYS D 63 -7.29 -6.77 -18.09
CA LYS D 63 -7.52 -5.35 -17.83
C LYS D 63 -8.85 -5.13 -17.14
N VAL D 64 -8.83 -4.53 -15.94
CA VAL D 64 -10.05 -4.21 -15.20
C VAL D 64 -10.11 -2.69 -14.91
N GLN D 65 -11.23 -2.05 -15.20
CA GLN D 65 -11.35 -0.62 -14.95
C GLN D 65 -12.60 -0.34 -14.16
N VAL D 66 -12.46 0.56 -13.19
CA VAL D 66 -13.58 1.00 -12.33
C VAL D 66 -13.90 2.46 -12.68
N GLN D 67 -15.17 2.73 -12.94
CA GLN D 67 -15.61 4.10 -13.13
C GLN D 67 -16.78 4.37 -12.20
N VAL D 68 -16.88 5.63 -11.77
CA VAL D 68 -17.94 6.06 -10.84
C VAL D 68 -18.59 7.35 -11.35
N SER D 69 -19.92 7.37 -11.33
CA SER D 69 -20.67 8.58 -11.61
C SER D 69 -21.79 8.79 -10.60
N VAL D 70 -22.20 10.06 -10.50
CA VAL D 70 -23.32 10.48 -9.65
C VAL D 70 -24.16 11.43 -10.49
N ASN D 71 -25.41 11.09 -10.67
CA ASN D 71 -26.33 11.88 -11.53
C ASN D 71 -25.70 12.23 -12.87
N GLY D 72 -24.98 11.24 -13.43
CA GLY D 72 -24.35 11.31 -14.73
C GLY D 72 -23.02 12.06 -14.80
N ARG D 73 -22.51 12.53 -13.66
CA ARG D 73 -21.25 13.29 -13.66
C ARG D 73 -20.13 12.37 -13.18
N PRO D 74 -19.03 12.21 -13.92
CA PRO D 74 -17.95 11.35 -13.45
C PRO D 74 -17.29 11.85 -12.17
N SER D 75 -17.07 10.96 -11.21
CA SER D 75 -16.36 11.28 -9.97
C SER D 75 -14.84 11.24 -10.21
N ASP D 76 -14.12 12.04 -9.46
CA ASP D 76 -12.65 12.02 -9.48
C ASP D 76 -12.17 10.81 -8.70
N LEU D 77 -11.29 10.03 -9.32
CA LEU D 77 -10.82 8.76 -8.72
C LEU D 77 -9.40 8.81 -8.15
N VAL D 78 -9.17 8.01 -7.11
N VAL D 78 -9.16 7.96 -7.16
CA VAL D 78 -7.84 7.71 -6.63
CA VAL D 78 -7.84 7.73 -6.61
C VAL D 78 -7.74 6.18 -6.50
C VAL D 78 -7.71 6.22 -6.37
N SER D 79 -6.54 5.64 -6.63
CA SER D 79 -6.39 4.18 -6.62
C SER D 79 -4.97 3.73 -6.35
N ALA D 80 -4.86 2.45 -5.98
CA ALA D 80 -3.58 1.79 -5.85
C ALA D 80 -3.83 0.29 -5.71
N GLN D 81 -2.76 -0.50 -5.85
CA GLN D 81 -2.79 -1.92 -5.62
C GLN D 81 -1.74 -2.25 -4.56
N VAL D 82 -2.09 -3.18 -3.67
CA VAL D 82 -1.18 -3.69 -2.61
C VAL D 82 -1.20 -5.21 -2.57
N ILE D 83 -0.02 -5.80 -2.37
CA ILE D 83 0.16 -7.25 -2.33
C ILE D 83 0.79 -7.59 -0.95
N LEU D 84 0.13 -8.48 -0.23
CA LEU D 84 0.60 -9.01 1.04
C LEU D 84 1.16 -10.43 0.87
N THR D 85 2.27 -10.68 1.57
CA THR D 85 3.03 -11.95 1.51
C THR D 85 3.23 -12.55 0.09
N ASN D 86 3.43 -11.64 -0.87
CA ASN D 86 3.70 -11.99 -2.26
C ASN D 86 2.63 -12.89 -2.88
N GLU D 87 1.40 -12.73 -2.42
CA GLU D 87 0.29 -13.65 -2.78
C GLU D 87 -1.11 -12.99 -2.87
N LEU D 88 -1.44 -12.19 -1.87
CA LEU D 88 -2.80 -11.66 -1.67
C LEU D 88 -2.88 -10.23 -2.19
N ASN D 89 -3.72 -10.03 -3.21
CA ASN D 89 -3.87 -8.77 -3.90
C ASN D 89 -5.14 -7.99 -3.56
N PHE D 90 -4.96 -6.70 -3.37
CA PHE D 90 -6.07 -5.76 -3.27
C PHE D 90 -5.85 -4.62 -4.26
N ALA D 91 -6.86 -4.31 -5.06
CA ALA D 91 -6.87 -3.11 -5.85
C ALA D 91 -7.94 -2.22 -5.23
N LEU D 92 -7.57 -0.99 -4.92
CA LEU D 92 -8.37 -0.11 -4.07
C LEU D 92 -8.73 1.16 -4.87
N VAL D 93 -9.99 1.58 -4.79
CA VAL D 93 -10.42 2.80 -5.45
C VAL D 93 -11.22 3.64 -4.45
N GLY D 94 -10.92 4.93 -4.40
CA GLY D 94 -11.78 5.92 -3.75
C GLY D 94 -12.31 6.90 -4.82
N SER D 95 -13.36 7.65 -4.49
CA SER D 95 -13.95 8.59 -5.47
C SER D 95 -14.56 9.77 -4.75
N GLU D 96 -14.52 10.94 -5.40
CA GLU D 96 -15.05 12.18 -4.86
C GLU D 96 -16.09 12.75 -5.81
N ASP D 97 -17.28 13.00 -5.28
CA ASP D 97 -18.41 13.50 -6.08
C ASP D 97 -18.81 14.92 -5.72
N GLY D 98 -18.05 15.56 -4.83
CA GLY D 98 -18.41 16.89 -4.31
C GLY D 98 -17.19 17.74 -4.05
N THR D 99 -17.20 18.51 -2.97
CA THR D 99 -16.12 19.44 -2.75
C THR D 99 -15.38 19.24 -1.45
N ASP D 100 -15.79 18.28 -0.63
CA ASP D 100 -15.16 18.12 0.67
C ASP D 100 -13.89 17.24 0.68
N ASN D 101 -13.63 16.57 -0.43
CA ASN D 101 -12.47 15.75 -0.60
C ASN D 101 -12.26 14.69 0.45
N ASP D 102 -13.33 14.03 0.88
CA ASP D 102 -13.19 12.83 1.71
C ASP D 102 -12.91 11.57 0.87
N TYR D 103 -13.21 11.61 -0.43
CA TYR D 103 -12.86 10.54 -1.38
C TYR D 103 -13.44 9.15 -1.04
N ASN D 104 -14.52 9.17 -0.26
CA ASN D 104 -15.19 7.95 0.16
C ASN D 104 -16.58 7.76 -0.43
N ASP D 105 -16.93 8.58 -1.41
CA ASP D 105 -18.30 8.70 -1.82
C ASP D 105 -18.78 7.41 -2.46
N ALA D 106 -17.90 6.82 -3.28
CA ALA D 106 -17.94 5.37 -3.57
C ALA D 106 -16.52 4.85 -3.36
N VAL D 107 -16.41 3.80 -2.57
CA VAL D 107 -15.16 3.09 -2.32
C VAL D 107 -15.30 1.70 -2.99
N VAL D 108 -14.31 1.29 -3.77
CA VAL D 108 -14.38 0.00 -4.43
C VAL D 108 -13.14 -0.83 -4.08
N VAL D 109 -13.36 -2.09 -3.70
CA VAL D 109 -12.30 -3.04 -3.39
C VAL D 109 -12.37 -4.26 -4.32
N ILE D 110 -11.26 -4.53 -5.01
CA ILE D 110 -11.10 -5.67 -5.86
C ILE D 110 -10.08 -6.57 -5.17
N ASN D 111 -10.36 -7.88 -5.10
CA ASN D 111 -9.44 -8.82 -4.42
C ASN D 111 -9.27 -10.13 -5.21
N TRP D 112 -8.06 -10.66 -5.19
CA TRP D 112 -7.76 -11.96 -5.77
C TRP D 112 -6.48 -12.48 -5.10
N PRO D 113 -6.19 -13.79 -5.22
CA PRO D 113 -7.06 -14.83 -5.78
C PRO D 113 -8.27 -15.16 -4.91
N LEU D 114 -9.24 -15.83 -5.50
CA LEU D 114 -10.39 -16.34 -4.78
C LEU D 114 -10.27 -17.88 -4.64
N GLY D 115 -11.20 -18.45 -3.88
CA GLY D 115 -11.37 -19.89 -3.80
C GLY D 115 -10.56 -20.53 -2.70
C1 NAG E . -8.25 -29.47 4.04
C2 NAG E . -8.85 -29.43 2.66
C3 NAG E . -8.47 -28.11 1.98
C4 NAG E . -8.73 -26.91 2.89
C5 NAG E . -8.17 -27.16 4.27
C6 NAG E . -8.63 -26.10 5.24
C7 NAG E . -9.08 -31.56 1.47
C8 NAG E . -8.34 -32.60 0.68
N2 NAG E . -8.30 -30.56 1.93
O1 NAG E . -8.67 -30.63 4.72
O3 NAG E . -9.24 -28.01 0.81
O4 NAG E . -8.09 -25.73 2.39
O5 NAG E . -8.67 -28.37 4.79
O6 NAG E . -7.84 -26.22 6.38
O7 NAG E . -10.32 -31.64 1.63
C1 GAL E . -8.49 -28.30 -0.37
C2 GAL E . -9.47 -28.39 -1.52
C3 GAL E . -8.77 -28.56 -2.86
C4 GAL E . -7.74 -27.46 -3.02
C5 GAL E . -6.80 -27.49 -1.83
C6 GAL E . -5.76 -26.38 -1.97
O2 GAL E . -10.34 -29.48 -1.30
O3 GAL E . -9.71 -28.48 -3.91
O4 GAL E . -8.37 -26.19 -3.08
O5 GAL E . -7.47 -27.34 -0.59
O6 GAL E . -4.67 -26.71 -1.17
C1 NDG E . -8.01 -29.68 4.13
C2 NDG E . -8.70 -29.44 2.78
C3 NDG E . -8.22 -28.11 2.18
C4 NDG E . -8.53 -27.01 3.20
C5 NDG E . -7.71 -27.32 4.46
C6 NDG E . -7.73 -26.26 5.56
C7 NDG E . -9.07 -31.52 1.55
C8 NDG E . -8.44 -32.55 0.66
O5 NDG E . -8.21 -28.56 5.00
O3 NDG E . -8.83 -27.92 0.88
O4 NDG E . -8.27 -25.69 2.70
O6 NDG E . -6.84 -26.60 6.66
O7 NDG E . -10.23 -31.59 1.91
N2 NDG E . -8.26 -30.52 1.92
O1 NDG E . -6.60 -29.90 3.93
C1 FUC E . -9.00 -24.60 2.42
C2 FUC E . -8.21 -23.32 2.13
C3 FUC E . -7.73 -23.37 0.69
C4 FUC E . -8.89 -23.56 -0.25
C5 FUC E . -9.74 -24.78 0.14
C6 FUC E . -11.00 -24.96 -0.69
O2 FUC E . -7.04 -23.22 2.97
O3 FUC E . -7.04 -22.18 0.35
O4 FUC E . -9.59 -22.35 -0.18
O5 FUC E . -10.12 -24.69 1.52
C1 NAG F . 11.76 13.93 -24.66
C2 NAG F . 12.68 12.74 -24.91
C3 NAG F . 12.20 11.59 -24.03
C4 NAG F . 12.06 12.02 -22.56
C5 NAG F . 11.28 13.33 -22.43
C6 NAG F . 11.31 13.95 -21.03
C7 NAG F . 13.77 12.19 -27.02
C8 NAG F . 13.58 11.77 -28.45
N2 NAG F . 12.64 12.41 -26.32
O1 NAG F . 12.15 15.02 -25.47
O3 NAG F . 13.13 10.53 -24.14
O4 NAG F . 11.43 10.96 -21.84
O5 NAG F . 11.86 14.29 -23.31
O6 NAG F . 10.32 14.96 -20.94
O7 NAG F . 14.91 12.33 -26.57
C1 NDG F . 11.91 13.96 -24.70
C2 NDG F . 12.77 12.71 -24.87
C3 NDG F . 12.18 11.60 -24.02
C4 NDG F . 12.11 12.04 -22.54
C5 NDG F . 11.36 13.36 -22.40
C6 NDG F . 11.48 13.98 -21.00
C7 NDG F . 13.78 12.41 -27.07
C8 NDG F . 13.57 11.97 -28.48
O5 NDG F . 11.91 14.33 -23.32
O3 NDG F . 13.01 10.44 -24.14
O4 NDG F . 11.50 10.99 -21.76
O6 NDG F . 10.71 15.20 -20.92
O7 NDG F . 14.89 12.80 -26.67
N2 NDG F . 12.71 12.32 -26.27
O1 NDG F . 10.58 13.70 -25.15
C1 GAL F . 12.55 9.42 -24.87
C2 GAL F . 13.63 8.38 -25.13
C3 GAL F . 13.06 7.13 -25.81
C4 GAL F . 11.87 6.58 -25.00
C5 GAL F . 10.87 7.72 -24.84
C6 GAL F . 9.60 7.36 -24.10
O2 GAL F . 14.65 8.96 -25.90
O3 GAL F . 14.10 6.18 -25.98
O4 GAL F . 12.30 6.16 -23.72
O5 GAL F . 11.47 8.83 -24.17
O6 GAL F . 8.60 8.34 -24.29
C1 FUC F . 12.08 10.75 -20.57
C2 FUC F . 11.15 9.91 -19.68
C3 FUC F . 11.05 8.49 -20.19
C4 FUC F . 12.44 7.87 -20.34
C5 FUC F . 13.29 8.80 -21.21
C6 FUC F . 14.69 8.27 -21.34
O2 FUC F . 9.85 10.47 -19.62
O3 FUC F . 10.21 7.69 -19.35
O4 FUC F . 12.99 7.69 -19.04
O5 FUC F . 13.37 10.12 -20.67
C1 NAG G . 20.95 -3.03 22.39
C2 NAG G . 21.02 -1.51 22.42
C3 NAG G . 19.89 -0.88 21.62
C4 NAG G . 19.77 -1.51 20.23
C5 NAG G . 19.72 -3.04 20.35
C6 NAG G . 19.77 -3.74 18.99
C7 NAG G . 22.02 -0.41 24.34
C8 NAG G . 21.80 0.30 25.65
N2 NAG G . 20.97 -1.04 23.79
O1 NAG G . 22.15 -3.55 22.96
O3 NAG G . 20.18 0.49 21.52
O4 NAG G . 18.59 -1.04 19.59
O5 NAG G . 20.83 -3.53 21.07
O6 NAG G . 20.94 -3.36 18.29
O7 NAG G . 23.11 -0.37 23.79
C1 NDG G . 21.13 -3.06 22.29
C2 NDG G . 21.13 -1.53 22.35
C3 NDG G . 19.92 -0.96 21.62
C4 NDG G . 19.87 -1.53 20.20
C5 NDG G . 19.88 -3.05 20.24
C6 NDG G . 19.88 -3.68 18.85
C7 NDG G . 21.95 -0.44 24.39
C8 NDG G . 21.67 -0.05 25.83
O5 NDG G . 21.06 -3.50 20.92
O3 NDG G . 20.04 0.47 21.60
O4 NDG G . 18.72 -1.03 19.49
O6 NDG G . 19.89 -5.11 18.95
O7 NDG G . 22.99 -0.11 23.86
N2 NDG G . 20.99 -1.11 23.75
O1 NDG G . 19.99 -3.56 23.00
C1 GAL G . 19.25 1.29 22.31
C2 GAL G . 19.65 2.76 22.21
C3 GAL G . 18.68 3.71 22.90
C4 GAL G . 17.26 3.44 22.42
C5 GAL G . 16.98 1.95 22.61
C6 GAL G . 15.57 1.58 22.16
O2 GAL G . 20.96 2.93 22.73
O3 GAL G . 19.09 5.04 22.63
O4 GAL G . 17.18 3.81 21.05
O5 GAL G . 17.94 1.17 21.89
O6 GAL G . 15.33 0.23 22.49
C1 FUC G . 18.85 -0.62 18.22
C2 FUC G . 17.52 -0.57 17.45
C3 FUC G . 16.70 0.57 18.04
C4 FUC G . 17.45 1.88 18.00
C5 FUC G . 18.84 1.73 18.64
C6 FUC G . 19.71 2.97 18.45
O2 FUC G . 16.74 -1.77 17.62
O3 FUC G . 15.46 0.70 17.35
O4 FUC G . 17.53 2.25 16.62
O5 FUC G . 19.53 0.62 18.10
C1 NDG H . -23.51 19.18 -2.43
C2 NDG H . -24.03 18.76 -1.04
C3 NDG H . -23.02 17.81 -0.37
C4 NDG H . -22.75 16.58 -1.23
C5 NDG H . -22.39 17.03 -2.64
C6 NDG H . -22.34 15.89 -3.63
C7 NDG H . -25.31 20.65 -0.17
C8 NDG H . -25.31 21.90 0.67
O5 NDG H . -23.31 18.01 -3.22
O3 NDG H . -23.57 17.36 0.87
O4 NDG H . -21.65 15.82 -0.64
O6 NDG H . -21.68 16.46 -4.77
O7 NDG H . -26.30 20.27 -0.76
N2 NDG H . -24.14 19.98 -0.23
O1 NDG H . -22.26 19.89 -2.34
C1 NAG H . -23.98 18.71 -2.64
C2 NAG H . -24.25 18.57 -1.13
C3 NAG H . -23.19 17.71 -0.42
C4 NAG H . -22.81 16.45 -1.21
C5 NAG H . -22.68 16.73 -2.71
C6 NAG H . -22.57 15.45 -3.54
C7 NAG H . -25.44 20.43 -0.14
C8 NAG H . -25.38 21.81 0.47
N2 NAG H . -24.28 19.89 -0.52
O1 NAG H . -25.07 19.32 -3.30
O3 NAG H . -23.70 17.26 0.83
O4 NAG H . -21.61 15.92 -0.67
O5 NAG H . -23.81 17.43 -3.20
O6 NAG H . -22.61 15.78 -4.90
O7 NAG H . -26.52 19.85 -0.26
C1 GAL H . -23.27 18.00 1.99
C2 GAL H . -24.35 17.73 3.06
C3 GAL H . -23.97 18.25 4.45
C4 GAL H . -22.59 17.72 4.83
C5 GAL H . -21.58 18.07 3.73
C6 GAL H . -20.19 17.54 4.11
O2 GAL H . -25.60 18.23 2.63
O3 GAL H . -24.97 17.86 5.38
O4 GAL H . -22.57 16.33 5.14
O5 GAL H . -21.97 17.62 2.43
O6 GAL H . -19.25 17.93 3.12
C1 FUC H . -21.69 14.48 -0.58
C2 FUC H . -20.26 13.90 -0.37
C3 FUC H . -19.78 14.28 1.01
C4 FUC H . -20.75 13.76 2.05
C5 FUC H . -22.17 14.29 1.79
C6 FUC H . -23.22 13.70 2.74
O2 FUC H . -19.34 14.44 -1.32
O3 FUC H . -18.48 13.74 1.23
O4 FUC H . -20.73 12.34 2.02
O5 FUC H . -22.56 14.02 0.44
CA CA I . -8.46 -20.19 0.10
CA CA J . -5.67 -21.24 2.34
S SO4 K . 25.28 8.78 9.45
O1 SO4 K . 25.46 8.47 8.05
O2 SO4 K . 24.10 9.61 9.58
O3 SO4 K . 25.06 7.61 10.31
O4 SO4 K . 26.45 9.50 9.96
S SO4 L . -22.53 -9.58 15.57
O1 SO4 L . -22.97 -9.95 14.24
O2 SO4 L . -23.66 -9.15 16.39
O3 SO4 L . -21.89 -10.71 16.20
O4 SO4 L . -21.57 -8.48 15.47
C1 GOL M . 11.60 -15.42 4.97
O1 GOL M . 11.29 -16.81 4.91
C2 GOL M . 11.24 -14.80 6.31
O2 GOL M . 9.83 -14.76 6.44
C3 GOL M . 11.84 -15.55 7.49
O3 GOL M . 11.29 -15.03 8.68
CA CA N . 11.46 7.06 -17.22
CA CA O . 8.38 8.93 -18.24
CA CA P . 14.45 -1.49 16.57
CA CA Q . 15.67 1.74 15.10
C1 GOL R . 26.65 -4.15 -4.22
O1 GOL R . 26.60 -2.90 -3.61
C2 GOL R . 27.98 -4.80 -3.88
O2 GOL R . 28.14 -4.89 -2.48
C3 GOL R . 28.03 -6.15 -4.58
O3 GOL R . 27.38 -7.11 -3.77
CA CA S . -18.52 11.23 1.59
CA CA T . -17.06 13.71 -0.84
C1 GOL U . -3.04 10.37 -9.75
O1 GOL U . -1.93 10.78 -10.52
C2 GOL U . -3.99 11.56 -9.56
O2 GOL U . -4.52 11.89 -10.84
C3 GOL U . -5.07 11.20 -8.55
O3 GOL U . -6.18 12.03 -8.81
#